data_2G37
#
_entry.id   2G37
#
_cell.length_a   82.067
_cell.length_b   89.590
_cell.length_c   94.316
_cell.angle_alpha   90.00
_cell.angle_beta   90.00
_cell.angle_gamma   90.00
#
_symmetry.space_group_name_H-M   'P 21 21 21'
#
loop_
_entity.id
_entity.type
_entity.pdbx_description
1 polymer 'proline dehydrogenase/delta-1-pyrroline-5-carboxylate dehydrogenase'
2 non-polymer 'FLAVIN-ADENINE DINUCLEOTIDE'
3 non-polymer (4S)-2-METHYL-2,4-PENTANEDIOL
4 water water
#
_entity_poly.entity_id   1
_entity_poly.type   'polypeptide(L)'
_entity_poly.pdbx_seq_one_letter_code
;MDHHHHHHHHASENLYFQGHMNLDLAYRSFVLGVAGHPQVERLIKHRAKGLVRRYVAGETLEEALKAAEALEREGVHAIL
DLLGEMVRTEEEARAFQRGLLELVWALAGKPWPKYISLKLTQLGLDLSEDLALALLREVLREAEPRGVFVRLDMEDSPRV
EATLRLYRALREEGFSQVGIVLQSYLYRTEKDLLDLLPYRPNLRLVKGAYREPKEVAFPDKRLIDAEYLHLGKLALKEGL
YVAFATHDPRIIAELKRYTEAMGIPRSRFEFQFLYGVRPEEQRRLAREGYTVRAYVPYGRDWYPYLTRRIAERPENLLLV
LRSLVSG
;
_entity_poly.pdbx_strand_id   A,B
#
# COMPACT_ATOMS: atom_id res chain seq x y z
N LEU A 25 21.23 7.74 -15.74
CA LEU A 25 22.28 7.00 -15.05
C LEU A 25 23.70 7.14 -15.65
N ALA A 26 23.80 7.50 -16.93
CA ALA A 26 25.08 7.91 -17.49
C ALA A 26 25.59 9.15 -16.74
N TYR A 27 24.66 10.03 -16.38
CA TYR A 27 24.96 11.19 -15.57
C TYR A 27 25.54 10.81 -14.19
N ARG A 28 24.88 9.87 -13.51
CA ARG A 28 25.35 9.36 -12.22
C ARG A 28 26.80 8.81 -12.32
N SER A 29 27.06 7.98 -13.32
CA SER A 29 28.40 7.43 -13.57
C SER A 29 29.50 8.50 -13.73
N PHE A 30 29.20 9.50 -14.58
CA PHE A 30 30.12 10.60 -14.87
C PHE A 30 30.57 11.38 -13.63
N VAL A 31 29.59 11.95 -12.91
CA VAL A 31 29.84 12.73 -11.69
C VAL A 31 30.63 11.93 -10.62
N LEU A 32 30.17 10.71 -10.33
CA LEU A 32 30.83 9.80 -9.38
C LEU A 32 32.30 9.49 -9.80
N GLY A 33 32.49 9.30 -11.10
CA GLY A 33 33.82 9.04 -11.64
C GLY A 33 34.75 10.24 -11.71
N VAL A 34 34.19 11.44 -11.76
CA VAL A 34 35.04 12.64 -11.80
C VAL A 34 35.24 13.27 -10.42
N ALA A 35 34.27 13.05 -9.53
CA ALA A 35 34.31 13.54 -8.14
C ALA A 35 35.57 13.13 -7.37
N GLY A 36 36.00 11.88 -7.49
CA GLY A 36 37.22 11.37 -6.83
C GLY A 36 38.58 11.97 -7.16
N HIS A 37 38.70 12.62 -8.33
CA HIS A 37 39.92 13.29 -8.75
C HIS A 37 40.23 14.41 -7.74
N PRO A 38 41.51 14.58 -7.35
CA PRO A 38 41.89 15.62 -6.37
C PRO A 38 41.67 17.07 -6.85
N GLN A 39 41.80 17.32 -8.15
CA GLN A 39 41.60 18.66 -8.72
C GLN A 39 40.12 19.05 -8.87
N VAL A 40 39.25 18.05 -9.00
CA VAL A 40 37.81 18.30 -8.99
C VAL A 40 37.40 18.68 -7.57
N GLU A 41 37.86 17.91 -6.58
CA GLU A 41 37.59 18.18 -5.17
C GLU A 41 38.06 19.59 -4.75
N ARG A 42 39.21 20.02 -5.24
CA ARG A 42 39.74 21.36 -4.95
C ARG A 42 38.95 22.50 -5.62
N LEU A 43 38.34 22.22 -6.78
CA LEU A 43 37.61 23.24 -7.55
C LEU A 43 36.24 23.48 -6.88
N ILE A 44 35.62 22.39 -6.45
CA ILE A 44 34.37 22.43 -5.71
C ILE A 44 34.53 23.19 -4.37
N LYS A 45 35.64 22.93 -3.67
CA LYS A 45 35.94 23.52 -2.37
C LYS A 45 36.23 25.01 -2.40
N HIS A 46 36.64 25.52 -3.56
CA HIS A 46 37.01 26.92 -3.69
C HIS A 46 36.06 27.74 -4.58
N ARG A 47 35.39 27.08 -5.52
CA ARG A 47 34.65 27.78 -6.57
C ARG A 47 33.18 27.36 -6.67
N ALA A 48 32.81 26.36 -5.89
CA ALA A 48 31.42 25.88 -5.78
C ALA A 48 30.98 25.83 -4.33
N LYS A 49 31.41 26.81 -3.53
CA LYS A 49 31.02 26.89 -2.11
C LYS A 49 29.49 27.01 -1.96
N GLY A 50 28.84 27.71 -2.89
CA GLY A 50 27.37 27.84 -2.89
C GLY A 50 26.71 26.50 -3.13
N LEU A 51 27.32 25.69 -3.98
CA LEU A 51 26.85 24.30 -4.22
C LEU A 51 27.02 23.42 -2.96
N VAL A 52 28.21 23.44 -2.37
CA VAL A 52 28.44 22.71 -1.11
C VAL A 52 27.44 23.11 -0.01
N ARG A 53 27.27 24.40 0.22
CA ARG A 53 26.46 24.90 1.32
C ARG A 53 24.97 24.65 1.14
N ARG A 54 24.56 24.36 -0.09
CA ARG A 54 23.19 23.97 -0.37
C ARG A 54 22.83 22.65 0.33
N TYR A 55 23.79 21.74 0.38
CA TYR A 55 23.52 20.37 0.88
C TYR A 55 24.20 20.03 2.20
N VAL A 56 25.22 20.80 2.57
CA VAL A 56 25.86 20.60 3.86
C VAL A 56 26.05 21.96 4.53
N ALA A 57 25.86 21.97 5.85
CA ALA A 57 25.92 23.17 6.67
C ALA A 57 27.34 23.76 6.70
N GLY A 58 28.32 22.86 6.68
CA GLY A 58 29.72 23.25 6.75
C GLY A 58 30.50 22.16 7.47
N GLU A 59 31.71 22.52 7.88
CA GLU A 59 32.63 21.59 8.55
C GLU A 59 32.49 21.61 10.09
N THR A 60 31.97 22.71 10.62
CA THR A 60 31.94 22.93 12.05
C THR A 60 30.51 22.87 12.59
N LEU A 61 30.42 22.51 13.86
CA LEU A 61 29.21 22.57 14.63
C LEU A 61 28.55 23.97 14.59
N GLU A 62 29.39 25.02 14.67
CA GLU A 62 28.91 26.39 14.64
C GLU A 62 28.11 26.69 13.36
N GLU A 63 28.59 26.17 12.23
CA GLU A 63 27.91 26.40 10.94
C GLU A 63 26.59 25.64 10.89
N ALA A 64 26.60 24.46 11.52
CA ALA A 64 25.42 23.62 11.62
C ALA A 64 24.29 24.28 12.43
N LEU A 65 24.62 24.88 13.57
CA LEU A 65 23.64 25.62 14.36
C LEU A 65 23.11 26.87 13.64
N LYS A 66 23.98 27.57 12.90
CA LYS A 66 23.53 28.67 12.03
C LYS A 66 22.54 28.25 10.94
N ALA A 67 22.80 27.08 10.34
CA ALA A 67 21.90 26.48 9.35
C ALA A 67 20.53 26.10 9.97
N ALA A 68 20.56 25.53 11.18
CA ALA A 68 19.31 25.24 11.89
C ALA A 68 18.53 26.53 12.22
N GLU A 69 19.23 27.60 12.60
CA GLU A 69 18.58 28.90 12.83
C GLU A 69 17.90 29.44 11.58
N ALA A 70 18.57 29.27 10.43
CA ALA A 70 18.06 29.74 9.15
C ALA A 70 16.82 28.97 8.74
N LEU A 71 16.83 27.65 8.95
CA LEU A 71 15.63 26.85 8.72
C LEU A 71 14.48 27.32 9.60
N GLU A 72 14.76 27.49 10.89
CA GLU A 72 13.75 27.89 11.88
C GLU A 72 13.06 29.19 11.53
N ARG A 73 13.82 30.15 11.02
CA ARG A 73 13.26 31.41 10.59
C ARG A 73 12.18 31.27 9.48
N GLU A 74 12.24 30.17 8.73
CA GLU A 74 11.25 29.85 7.68
C GLU A 74 10.21 28.79 8.08
N GLY A 75 10.12 28.44 9.37
CA GLY A 75 9.16 27.43 9.85
C GLY A 75 9.59 26.00 9.67
N VAL A 76 10.85 25.78 9.31
CA VAL A 76 11.34 24.45 9.07
C VAL A 76 12.30 24.06 10.21
N HIS A 77 12.23 22.80 10.63
CA HIS A 77 13.11 22.29 11.70
C HIS A 77 14.31 21.55 11.14
N ALA A 78 15.29 21.32 12.01
CA ALA A 78 16.57 20.77 11.64
C ALA A 78 16.77 19.47 12.37
N ILE A 79 17.35 18.50 11.64
CA ILE A 79 17.93 17.31 12.20
C ILE A 79 19.42 17.46 11.95
N LEU A 80 20.20 17.49 13.03
CA LEU A 80 21.63 17.72 12.87
C LEU A 80 22.38 16.40 12.76
N ASP A 81 23.17 16.25 11.69
CA ASP A 81 23.83 14.97 11.42
C ASP A 81 25.32 15.12 11.33
N LEU A 82 26.03 14.73 12.40
CA LEU A 82 27.48 14.73 12.40
C LEU A 82 27.99 13.74 11.41
N LEU A 83 28.85 14.21 10.51
CA LEU A 83 29.56 13.39 9.55
C LEU A 83 31.00 13.21 10.03
N GLY A 84 31.51 11.99 9.94
CA GLY A 84 32.92 11.74 10.23
C GLY A 84 33.40 10.59 9.38
N GLU A 85 34.71 10.45 9.23
CA GLU A 85 35.27 9.27 8.56
C GLU A 85 34.78 7.99 9.21
N MET A 86 34.76 6.93 8.42
CA MET A 86 34.32 5.62 8.85
C MET A 86 35.11 5.18 10.07
N VAL A 87 34.38 4.87 11.12
CA VAL A 87 34.95 4.40 12.39
C VAL A 87 35.45 2.97 12.24
N ARG A 88 36.68 2.71 12.70
CA ARG A 88 37.29 1.40 12.52
C ARG A 88 37.87 0.84 13.81
N THR A 89 38.02 1.71 14.81
CA THR A 89 38.62 1.31 16.09
C THR A 89 37.80 1.87 17.23
N GLU A 90 38.00 1.30 18.43
CA GLU A 90 37.35 1.79 19.62
C GLU A 90 37.67 3.27 19.91
N GLU A 91 38.91 3.66 19.64
CA GLU A 91 39.36 5.05 19.79
C GLU A 91 38.62 6.00 18.82
N GLU A 92 38.46 5.58 17.58
CA GLU A 92 37.65 6.36 16.63
C GLU A 92 36.18 6.47 17.02
N ALA A 93 35.62 5.37 17.51
CA ALA A 93 34.25 5.34 18.00
C ALA A 93 34.05 6.35 19.13
N ARG A 94 34.96 6.37 20.11
CA ARG A 94 34.90 7.35 21.20
C ARG A 94 35.11 8.79 20.72
N ALA A 95 35.98 8.98 19.73
CA ALA A 95 36.18 10.31 19.14
C ALA A 95 34.89 10.82 18.49
N PHE A 96 34.16 9.92 17.85
CA PHE A 96 32.91 10.28 17.20
C PHE A 96 31.84 10.60 18.24
N GLN A 97 31.74 9.75 19.26
CA GLN A 97 30.86 10.02 20.37
C GLN A 97 31.10 11.39 21.02
N ARG A 98 32.38 11.77 21.18
CA ARG A 98 32.73 13.10 21.69
C ARG A 98 32.20 14.21 20.80
N GLY A 99 32.33 14.03 19.48
CA GLY A 99 31.67 14.94 18.52
C GLY A 99 30.18 15.11 18.77
N LEU A 100 29.49 14.02 19.08
CA LEU A 100 28.05 14.01 19.30
C LEU A 100 27.68 14.65 20.62
N LEU A 101 28.50 14.40 21.64
CA LEU A 101 28.34 15.03 22.95
C LEU A 101 28.50 16.55 22.83
N GLU A 102 29.49 17.00 22.04
CA GLU A 102 29.68 18.45 21.73
C GLU A 102 28.41 19.04 21.07
N LEU A 103 27.82 18.30 20.14
CA LEU A 103 26.52 18.66 19.53
C LEU A 103 25.36 18.77 20.56
N VAL A 104 25.23 17.75 21.40
CA VAL A 104 24.19 17.72 22.43
C VAL A 104 24.32 18.90 23.38
N TRP A 105 25.54 19.18 23.84
CA TRP A 105 25.82 20.25 24.81
C TRP A 105 25.57 21.64 24.20
N ALA A 106 25.86 21.77 22.91
CA ALA A 106 25.66 23.01 22.14
C ALA A 106 24.18 23.27 21.87
N LEU A 107 23.39 22.21 21.67
CA LEU A 107 21.97 22.36 21.42
C LEU A 107 21.21 22.83 22.65
N ALA A 108 21.83 22.67 23.83
CA ALA A 108 21.16 22.91 25.09
C ALA A 108 20.75 24.36 25.13
N GLY A 109 19.48 24.60 25.39
CA GLY A 109 19.05 26.00 25.60
C GLY A 109 18.70 26.73 24.31
N LYS A 110 18.99 26.12 23.14
CA LYS A 110 18.50 26.65 21.86
C LYS A 110 16.98 26.64 22.00
N PRO A 111 16.28 27.71 21.54
CA PRO A 111 14.83 27.73 21.78
C PRO A 111 14.04 26.63 21.07
N TRP A 112 14.54 26.15 19.94
CA TRP A 112 13.76 25.40 18.96
C TRP A 112 13.98 23.90 19.15
N PRO A 113 13.16 23.05 18.48
CA PRO A 113 13.30 21.58 18.65
C PRO A 113 14.66 20.98 18.26
N LYS A 114 15.18 20.17 19.17
CA LYS A 114 16.52 19.65 19.10
C LYS A 114 16.49 18.16 18.76
N TYR A 115 17.10 17.82 17.63
CA TYR A 115 17.01 16.49 17.04
C TYR A 115 18.34 16.22 16.37
N ILE A 116 18.98 15.10 16.75
CA ILE A 116 20.25 14.69 16.14
C ILE A 116 20.07 13.28 15.54
N SER A 117 20.83 12.97 14.49
CA SER A 117 20.81 11.64 13.89
C SER A 117 22.17 11.02 14.00
N LEU A 118 22.22 9.70 14.18
CA LEU A 118 23.50 9.02 14.24
C LEU A 118 23.42 7.60 13.67
N LYS A 119 24.56 7.10 13.22
CA LYS A 119 24.72 5.72 12.82
C LYS A 119 25.43 4.96 13.93
N LEU A 120 24.85 3.84 14.36
CA LEU A 120 25.44 2.98 15.37
C LEU A 120 26.83 2.47 14.96
N THR A 121 27.07 2.33 13.66
CA THR A 121 28.43 1.88 13.22
C THR A 121 29.51 2.93 13.54
N GLN A 122 29.12 4.19 13.57
CA GLN A 122 30.00 5.27 13.99
C GLN A 122 30.19 5.28 15.52
N LEU A 123 29.31 4.59 16.26
CA LEU A 123 29.59 4.28 17.69
C LEU A 123 30.27 2.91 17.92
N GLY A 124 30.82 2.31 16.86
CA GLY A 124 31.60 1.06 17.02
C GLY A 124 30.78 -0.23 17.07
N LEU A 125 29.57 -0.20 16.51
CA LEU A 125 28.69 -1.37 16.41
C LEU A 125 29.37 -2.62 15.83
N ASP A 126 30.10 -2.47 14.72
CA ASP A 126 30.78 -3.63 14.12
C ASP A 126 31.91 -4.13 14.99
N LEU A 127 32.33 -3.33 15.95
CA LEU A 127 33.41 -3.72 16.84
C LEU A 127 32.86 -4.50 18.04
N SER A 128 31.80 -3.96 18.62
CA SER A 128 31.08 -4.63 19.68
C SER A 128 29.71 -3.96 19.89
N GLU A 129 28.63 -4.74 20.03
CA GLU A 129 27.33 -4.16 20.44
C GLU A 129 27.41 -3.49 21.82
N ASP A 130 28.18 -4.10 22.73
CA ASP A 130 28.44 -3.56 24.07
C ASP A 130 29.07 -2.17 23.99
N LEU A 131 30.04 -1.98 23.10
CA LEU A 131 30.65 -0.67 22.95
C LEU A 131 29.62 0.37 22.48
N ALA A 132 28.96 0.10 21.35
CA ALA A 132 27.94 0.98 20.82
C ALA A 132 26.86 1.31 21.85
N LEU A 133 26.41 0.30 22.61
CA LEU A 133 25.41 0.54 23.66
C LEU A 133 25.97 1.46 24.75
N ALA A 134 27.17 1.17 25.26
CA ALA A 134 27.80 2.02 26.27
C ALA A 134 27.92 3.48 25.76
N LEU A 135 28.42 3.66 24.54
CA LEU A 135 28.58 5.01 23.97
C LEU A 135 27.23 5.70 23.74
N LEU A 136 26.27 4.98 23.17
CA LEU A 136 24.94 5.52 22.93
C LEU A 136 24.23 5.90 24.25
N ARG A 137 24.30 5.04 25.27
CA ARG A 137 23.72 5.34 26.58
C ARG A 137 24.21 6.67 27.19
N GLU A 138 25.52 6.90 27.12
CA GLU A 138 26.10 8.18 27.53
C GLU A 138 25.54 9.35 26.72
N VAL A 139 25.38 9.20 25.41
CA VAL A 139 24.74 10.25 24.57
C VAL A 139 23.29 10.57 25.05
N LEU A 140 22.50 9.51 25.28
CA LEU A 140 21.08 9.67 25.72
C LEU A 140 20.98 10.27 27.12
N ARG A 141 21.93 9.93 28.00
CA ARG A 141 22.01 10.54 29.33
C ARG A 141 22.27 12.04 29.24
N GLU A 142 23.15 12.47 28.35
CA GLU A 142 23.36 13.92 28.17
C GLU A 142 22.20 14.58 27.43
N ALA A 143 21.62 13.85 26.46
CA ALA A 143 20.59 14.34 25.55
C ALA A 143 19.27 14.63 26.22
N GLU A 144 18.76 13.66 26.97
CA GLU A 144 17.38 13.71 27.44
C GLU A 144 17.09 14.87 28.38
N PRO A 145 18.01 15.14 29.36
CA PRO A 145 17.85 16.29 30.26
C PRO A 145 17.87 17.62 29.53
N ARG A 146 18.46 17.64 28.35
CA ARG A 146 18.60 18.87 27.58
C ARG A 146 17.50 19.02 26.51
N GLY A 147 16.58 18.05 26.46
CA GLY A 147 15.49 18.03 25.48
C GLY A 147 15.93 17.72 24.06
N VAL A 148 17.05 17.01 23.93
CA VAL A 148 17.60 16.63 22.63
C VAL A 148 17.11 15.22 22.26
N PHE A 149 16.46 15.13 21.11
CA PHE A 149 15.96 13.87 20.60
C PHE A 149 17.03 13.20 19.77
N VAL A 150 17.15 11.87 19.87
CA VAL A 150 18.19 11.17 19.15
C VAL A 150 17.51 10.11 18.26
N ARG A 151 17.76 10.20 16.95
CA ARG A 151 17.33 9.17 16.01
C ARG A 151 18.50 8.20 15.71
N LEU A 152 18.23 6.90 15.80
CA LEU A 152 19.14 5.88 15.32
C LEU A 152 18.85 5.64 13.85
N ASP A 153 19.72 6.14 12.98
CA ASP A 153 19.60 5.91 11.53
C ASP A 153 19.75 4.39 11.20
N MET A 154 18.90 3.90 10.30
CA MET A 154 18.96 2.49 9.98
C MET A 154 20.00 2.25 8.87
N GLU A 155 20.89 1.31 9.12
CA GLU A 155 21.90 0.96 8.14
C GLU A 155 21.48 -0.25 7.35
N ASP A 156 22.43 -1.06 6.87
CA ASP A 156 22.02 -2.11 5.94
C ASP A 156 21.50 -3.32 6.72
N SER A 157 21.01 -4.31 5.98
CA SER A 157 20.19 -5.37 6.58
C SER A 157 20.92 -6.26 7.61
N PRO A 158 22.24 -6.57 7.42
CA PRO A 158 22.98 -7.30 8.46
C PRO A 158 23.03 -6.56 9.80
N ARG A 159 22.68 -5.28 9.82
CA ARG A 159 22.77 -4.49 11.06
C ARG A 159 21.46 -4.19 11.77
N VAL A 160 20.34 -4.59 11.16
CA VAL A 160 19.00 -4.28 11.69
C VAL A 160 18.76 -4.93 13.06
N GLU A 161 19.09 -6.21 13.20
CA GLU A 161 18.78 -6.90 14.42
C GLU A 161 19.45 -6.29 15.65
N ALA A 162 20.76 -6.02 15.55
CA ALA A 162 21.53 -5.37 16.62
C ALA A 162 20.97 -4.01 16.94
N THR A 163 20.52 -3.29 15.90
CA THR A 163 20.01 -1.96 16.07
C THR A 163 18.74 -2.00 16.91
N LEU A 164 17.81 -2.90 16.56
CA LEU A 164 16.59 -3.09 17.33
C LEU A 164 16.89 -3.57 18.73
N ARG A 165 17.89 -4.42 18.92
CA ARG A 165 18.35 -4.79 20.26
C ARG A 165 18.75 -3.63 21.16
N LEU A 166 19.61 -2.75 20.65
CA LEU A 166 20.04 -1.56 21.39
C LEU A 166 18.87 -0.64 21.69
N TYR A 167 18.01 -0.41 20.70
CA TYR A 167 16.81 0.38 20.88
C TYR A 167 15.95 -0.10 22.06
N ARG A 168 15.53 -1.36 21.98
CA ARG A 168 14.67 -2.01 22.98
C ARG A 168 15.30 -1.99 24.37
N ALA A 169 16.58 -2.37 24.46
CA ALA A 169 17.33 -2.31 25.70
C ALA A 169 17.29 -0.92 26.34
N LEU A 170 17.57 0.11 25.54
CA LEU A 170 17.58 1.49 26.04
C LEU A 170 16.17 1.95 26.49
N ARG A 171 15.15 1.59 25.71
CA ARG A 171 13.78 1.84 26.10
C ARG A 171 13.49 1.21 27.47
N GLU A 172 13.80 -0.08 27.62
CA GLU A 172 13.60 -0.79 28.88
C GLU A 172 14.38 -0.20 30.06
N GLU A 173 15.48 0.51 29.77
CA GLU A 173 16.21 1.24 30.80
C GLU A 173 15.58 2.59 31.14
N GLY A 174 14.58 3.00 30.38
CA GLY A 174 13.81 4.18 30.72
C GLY A 174 14.02 5.37 29.83
N PHE A 175 14.83 5.24 28.79
CA PHE A 175 14.97 6.31 27.82
C PHE A 175 13.76 6.41 26.91
N SER A 176 13.39 7.63 26.54
CA SER A 176 12.22 7.83 25.69
C SER A 176 12.52 8.68 24.45
N GLN A 177 13.53 9.53 24.55
CA GLN A 177 13.85 10.49 23.47
C GLN A 177 14.82 9.93 22.45
N VAL A 178 14.49 8.71 22.01
CA VAL A 178 15.26 7.97 21.07
C VAL A 178 14.30 7.31 20.06
N GLY A 179 14.60 7.44 18.78
CA GLY A 179 13.74 6.90 17.73
C GLY A 179 14.50 5.98 16.82
N ILE A 180 13.75 5.25 16.01
CA ILE A 180 14.28 4.30 15.07
C ILE A 180 13.82 4.70 13.69
N VAL A 181 14.45 4.07 12.71
CA VAL A 181 14.11 4.24 11.30
C VAL A 181 13.76 2.86 10.79
N LEU A 182 12.64 2.73 10.08
CA LEU A 182 12.32 1.49 9.38
C LEU A 182 12.28 1.76 7.88
N GLN A 183 12.73 0.81 7.08
CA GLN A 183 12.88 0.99 5.65
C GLN A 183 11.86 0.10 4.94
N SER A 184 11.08 0.71 4.06
CA SER A 184 9.99 -0.02 3.41
C SER A 184 10.44 -1.05 2.41
N TYR A 185 11.68 -0.97 1.90
CA TYR A 185 12.08 -1.96 0.91
C TYR A 185 12.33 -3.36 1.51
N LEU A 186 12.42 -3.48 2.83
CA LEU A 186 12.72 -4.81 3.41
C LEU A 186 11.46 -5.64 3.67
N TYR A 187 11.49 -6.90 3.29
CA TYR A 187 10.40 -7.83 3.64
C TYR A 187 10.10 -7.91 5.16
N ARG A 188 11.15 -7.86 5.99
CA ARG A 188 11.06 -8.04 7.44
C ARG A 188 10.43 -6.86 8.17
N THR A 189 10.29 -5.72 7.48
CA THR A 189 9.90 -4.48 8.16
C THR A 189 8.52 -4.51 8.84
N GLU A 190 7.50 -5.03 8.14
CA GLU A 190 6.16 -5.04 8.73
C GLU A 190 6.15 -5.80 10.08
N LYS A 191 6.80 -6.97 10.12
CA LYS A 191 6.93 -7.75 11.36
C LYS A 191 7.71 -6.99 12.42
N ASP A 192 8.80 -6.32 12.05
CA ASP A 192 9.51 -5.42 12.97
C ASP A 192 8.57 -4.39 13.57
N LEU A 193 7.80 -3.73 12.71
CA LEU A 193 6.84 -2.72 13.16
C LEU A 193 5.84 -3.28 14.18
N LEU A 194 5.20 -4.38 13.79
CA LEU A 194 4.27 -5.08 14.65
C LEU A 194 4.92 -5.56 15.97
N ASP A 195 6.05 -6.27 15.89
CA ASP A 195 6.86 -6.60 17.07
C ASP A 195 7.17 -5.41 17.98
N LEU A 196 7.40 -4.24 17.39
CA LEU A 196 7.78 -3.06 18.15
C LEU A 196 6.65 -2.24 18.77
N LEU A 197 5.40 -2.53 18.41
CA LEU A 197 4.24 -1.75 18.89
C LEU A 197 4.14 -1.55 20.40
N PRO A 198 4.40 -2.61 21.23
CA PRO A 198 4.42 -2.38 22.69
C PRO A 198 5.36 -1.25 23.18
N TYR A 199 6.39 -0.93 22.38
CA TYR A 199 7.35 0.12 22.72
C TYR A 199 6.84 1.50 22.36
N ARG A 200 5.72 1.56 21.63
CA ARG A 200 5.22 2.83 21.09
C ARG A 200 6.35 3.62 20.40
N PRO A 201 7.06 2.98 19.46
CA PRO A 201 8.25 3.61 18.90
C PRO A 201 7.93 4.94 18.21
N ASN A 202 8.82 5.91 18.39
CA ASN A 202 8.82 7.08 17.55
C ASN A 202 9.55 6.67 16.28
N LEU A 203 8.88 6.81 15.13
CA LEU A 203 9.30 6.19 13.88
C LEU A 203 9.63 7.19 12.75
N ARG A 204 10.78 7.00 12.08
CA ARG A 204 11.01 7.66 10.79
C ARG A 204 10.88 6.56 9.74
N LEU A 205 10.03 6.78 8.73
CA LEU A 205 9.87 5.79 7.70
C LEU A 205 10.57 6.27 6.47
N VAL A 206 11.44 5.42 5.94
CA VAL A 206 12.17 5.71 4.72
C VAL A 206 11.94 4.58 3.75
N LYS A 207 12.25 4.81 2.46
CA LYS A 207 12.28 3.72 1.49
C LYS A 207 13.45 2.77 1.73
N GLY A 208 14.63 3.33 2.04
CA GLY A 208 15.84 2.56 2.29
C GLY A 208 16.93 2.95 1.29
N ALA A 209 18.17 3.04 1.75
CA ALA A 209 19.27 3.61 0.96
C ALA A 209 20.27 2.62 0.43
N TYR A 210 20.21 1.35 0.87
CA TYR A 210 21.30 0.37 0.52
C TYR A 210 20.94 -0.56 -0.63
N ARG A 211 21.94 -1.21 -1.23
CA ARG A 211 21.73 -2.24 -2.24
C ARG A 211 21.49 -3.53 -1.49
N GLU A 212 20.29 -4.07 -1.61
CA GLU A 212 19.94 -5.26 -0.87
C GLU A 212 19.48 -6.29 -1.85
N PRO A 213 19.83 -7.56 -1.59
CA PRO A 213 19.44 -8.62 -2.51
C PRO A 213 17.95 -8.91 -2.50
N LYS A 214 17.48 -9.54 -3.58
CA LYS A 214 16.06 -9.82 -3.77
C LYS A 214 15.51 -10.77 -2.69
N GLU A 215 16.40 -11.50 -2.04
CA GLU A 215 16.06 -12.39 -0.94
C GLU A 215 15.62 -11.61 0.30
N VAL A 216 16.02 -10.35 0.38
CA VAL A 216 15.73 -9.56 1.57
C VAL A 216 14.88 -8.33 1.29
N ALA A 217 14.89 -7.85 0.05
CA ALA A 217 14.27 -6.56 -0.23
C ALA A 217 13.55 -6.59 -1.55
N PHE A 218 12.38 -5.95 -1.61
CA PHE A 218 11.62 -5.85 -2.89
C PHE A 218 12.56 -5.35 -4.01
N PRO A 219 12.76 -6.14 -5.07
CA PRO A 219 13.48 -5.68 -6.26
C PRO A 219 12.75 -4.57 -7.03
N ASP A 220 11.41 -4.66 -7.05
CA ASP A 220 10.54 -3.73 -7.77
C ASP A 220 10.25 -2.45 -6.99
N LYS A 221 10.58 -1.30 -7.58
CA LYS A 221 10.28 0.01 -6.99
C LYS A 221 8.77 0.30 -6.72
N ARG A 222 7.89 -0.23 -7.58
CA ARG A 222 6.44 -0.16 -7.35
C ARG A 222 6.05 -0.77 -5.99
N LEU A 223 6.63 -1.92 -5.68
CA LEU A 223 6.46 -2.58 -4.39
C LEU A 223 7.08 -1.86 -3.18
N ILE A 224 8.26 -1.29 -3.35
CA ILE A 224 8.89 -0.47 -2.29
C ILE A 224 8.00 0.71 -1.91
N ASP A 225 7.43 1.33 -2.93
CA ASP A 225 6.59 2.51 -2.79
C ASP A 225 5.25 2.07 -2.18
N ALA A 226 4.65 0.98 -2.68
CA ALA A 226 3.42 0.43 -2.08
C ALA A 226 3.59 0.11 -0.59
N GLU A 227 4.73 -0.49 -0.26
CA GLU A 227 5.04 -0.87 1.10
C GLU A 227 5.26 0.36 1.97
N TYR A 228 5.80 1.44 1.38
CA TYR A 228 6.00 2.65 2.12
C TYR A 228 4.62 3.18 2.59
N LEU A 229 3.68 3.27 1.65
CA LEU A 229 2.32 3.72 1.94
C LEU A 229 1.61 2.81 2.95
N HIS A 230 1.72 1.52 2.76
CA HIS A 230 1.14 0.52 3.67
C HIS A 230 1.68 0.63 5.10
N LEU A 231 3.00 0.67 5.27
CA LEU A 231 3.61 0.81 6.59
C LEU A 231 3.25 2.13 7.27
N GLY A 232 3.22 3.20 6.48
CA GLY A 232 2.92 4.52 7.00
C GLY A 232 1.51 4.59 7.54
N LYS A 233 0.56 4.09 6.76
CA LYS A 233 -0.84 4.04 7.14
C LYS A 233 -1.06 3.10 8.35
N LEU A 234 -0.43 1.93 8.33
CA LEU A 234 -0.43 1.01 9.48
C LEU A 234 0.09 1.72 10.74
N ALA A 235 1.28 2.32 10.63
CA ALA A 235 1.88 3.06 11.76
C ALA A 235 0.91 4.13 12.29
N LEU A 236 0.28 4.93 11.40
CA LEU A 236 -0.66 6.00 11.81
C LEU A 236 -1.90 5.48 12.48
N LYS A 237 -2.43 4.35 11.99
CA LYS A 237 -3.64 3.78 12.55
C LYS A 237 -3.35 3.14 13.91
N GLU A 238 -2.13 2.67 14.11
CA GLU A 238 -1.70 2.28 15.45
C GLU A 238 -1.43 3.45 16.43
N GLY A 239 -1.54 4.70 15.98
CA GLY A 239 -1.36 5.85 16.87
C GLY A 239 0.10 6.17 17.18
N LEU A 240 1.01 5.65 16.37
CA LEU A 240 2.42 5.96 16.52
C LEU A 240 2.73 7.31 15.87
N TYR A 241 3.68 8.06 16.45
CA TYR A 241 4.24 9.23 15.80
C TYR A 241 5.16 8.77 14.66
N VAL A 242 4.88 9.25 13.45
CA VAL A 242 5.62 8.84 12.27
C VAL A 242 6.18 10.07 11.55
N ALA A 243 7.46 10.00 11.23
CA ALA A 243 8.07 11.00 10.40
C ALA A 243 8.23 10.40 9.02
N PHE A 244 7.54 10.98 8.05
CA PHE A 244 7.73 10.56 6.66
C PHE A 244 8.92 11.22 5.96
N ALA A 245 10.03 10.46 5.91
CA ALA A 245 11.29 10.90 5.34
C ALA A 245 11.39 10.44 3.90
N THR A 246 10.89 11.29 3.02
CA THR A 246 10.76 10.99 1.61
C THR A 246 10.65 12.29 0.82
N HIS A 247 11.18 12.29 -0.40
CA HIS A 247 11.05 13.43 -1.30
C HIS A 247 9.99 13.17 -2.37
N ASP A 248 9.38 11.99 -2.32
CA ASP A 248 8.51 11.48 -3.39
C ASP A 248 7.17 12.24 -3.35
N PRO A 249 6.86 13.03 -4.41
CA PRO A 249 5.63 13.84 -4.33
C PRO A 249 4.34 13.03 -4.43
N ARG A 250 4.39 11.86 -5.05
CA ARG A 250 3.22 10.97 -5.13
C ARG A 250 2.87 10.46 -3.73
N ILE A 251 3.90 10.05 -2.99
CA ILE A 251 3.74 9.59 -1.64
C ILE A 251 3.30 10.72 -0.70
N ILE A 252 3.90 11.90 -0.82
CA ILE A 252 3.52 13.05 0.04
C ILE A 252 2.06 13.44 -0.22
N ALA A 253 1.66 13.60 -1.48
CA ALA A 253 0.28 13.92 -1.80
C ALA A 253 -0.68 12.89 -1.19
N GLU A 254 -0.33 11.61 -1.29
CA GLU A 254 -1.22 10.59 -0.74
C GLU A 254 -1.30 10.60 0.77
N LEU A 255 -0.16 10.75 1.45
CA LEU A 255 -0.17 10.87 2.92
C LEU A 255 -0.90 12.11 3.44
N LYS A 256 -0.76 13.23 2.75
CA LYS A 256 -1.58 14.42 2.99
C LYS A 256 -3.09 14.13 2.82
N ARG A 257 -3.47 13.49 1.73
CA ARG A 257 -4.87 13.15 1.51
C ARG A 257 -5.37 12.23 2.63
N TYR A 258 -4.62 11.18 2.91
CA TYR A 258 -5.03 10.16 3.86
C TYR A 258 -5.19 10.74 5.29
N THR A 259 -4.18 11.45 5.77
CA THR A 259 -4.26 12.08 7.10
C THR A 259 -5.42 13.07 7.26
N GLU A 260 -5.68 13.88 6.23
CA GLU A 260 -6.88 14.70 6.23
C GLU A 260 -8.15 13.88 6.35
N ALA A 261 -8.28 12.86 5.49
CA ALA A 261 -9.55 12.14 5.35
C ALA A 261 -9.87 11.33 6.61
N MET A 262 -8.81 10.93 7.31
CA MET A 262 -8.89 10.08 8.51
C MET A 262 -8.84 10.91 9.79
N GLY A 263 -8.74 12.23 9.64
CA GLY A 263 -8.74 13.15 10.76
C GLY A 263 -7.55 12.99 11.68
N ILE A 264 -6.40 12.64 11.13
CA ILE A 264 -5.16 12.55 11.92
C ILE A 264 -4.57 13.96 12.08
N PRO A 265 -4.46 14.47 13.32
CA PRO A 265 -3.94 15.83 13.51
C PRO A 265 -2.46 15.99 13.14
N ARG A 266 -2.13 17.20 12.70
CA ARG A 266 -0.82 17.55 12.21
C ARG A 266 0.29 17.33 13.23
N SER A 267 -0.10 17.22 14.49
CA SER A 267 0.83 16.97 15.60
C SER A 267 1.17 15.47 15.83
N ARG A 268 0.67 14.59 14.96
CA ARG A 268 0.96 13.14 15.03
C ARG A 268 1.88 12.62 13.91
N PHE A 269 2.34 13.50 13.04
CA PHE A 269 3.26 13.06 12.02
C PHE A 269 3.94 14.28 11.49
N GLU A 270 4.95 14.05 10.66
CA GLU A 270 5.72 15.14 10.06
C GLU A 270 6.34 14.65 8.76
N PHE A 271 6.91 15.56 7.99
CA PHE A 271 7.63 15.24 6.77
C PHE A 271 9.10 15.61 6.91
N GLN A 272 10.01 14.74 6.45
CA GLN A 272 11.42 15.09 6.51
C GLN A 272 12.06 15.01 5.13
N PHE A 273 12.97 15.94 4.86
CA PHE A 273 13.66 16.04 3.59
C PHE A 273 15.14 16.14 3.92
N LEU A 274 16.01 15.73 3.00
CA LEU A 274 17.41 16.15 3.05
C LEU A 274 17.52 17.68 2.89
N TYR A 275 18.51 18.26 3.57
CA TYR A 275 18.82 19.67 3.48
C TYR A 275 19.18 19.99 2.05
N GLY A 276 18.53 21.04 1.52
CA GLY A 276 18.73 21.47 0.14
C GLY A 276 17.98 20.71 -0.94
N VAL A 277 17.21 19.69 -0.55
CA VAL A 277 16.43 18.87 -1.48
C VAL A 277 14.93 19.21 -1.36
N ARG A 278 14.36 19.63 -2.49
CA ARG A 278 13.01 20.24 -2.58
C ARG A 278 12.81 21.30 -1.50
N PRO A 279 13.71 22.32 -1.48
CA PRO A 279 13.55 23.26 -0.37
C PRO A 279 12.25 24.09 -0.48
N GLU A 280 11.70 24.27 -1.67
CA GLU A 280 10.44 25.01 -1.77
C GLU A 280 9.25 24.21 -1.26
N GLU A 281 9.30 22.89 -1.41
CA GLU A 281 8.28 21.99 -0.85
C GLU A 281 8.33 21.99 0.68
N GLN A 282 9.54 21.99 1.25
CA GLN A 282 9.75 22.12 2.70
C GLN A 282 9.05 23.38 3.27
N ARG A 283 9.25 24.54 2.63
CA ARG A 283 8.64 25.78 3.05
C ARG A 283 7.14 25.76 2.82
N ARG A 284 6.72 25.26 1.66
CA ARG A 284 5.30 25.13 1.36
C ARG A 284 4.58 24.28 2.43
N LEU A 285 5.11 23.11 2.75
CA LEU A 285 4.52 22.27 3.79
C LEU A 285 4.51 22.96 5.17
N ALA A 286 5.62 23.61 5.53
CA ALA A 286 5.65 24.40 6.74
C ALA A 286 4.51 25.48 6.76
N ARG A 287 4.33 26.17 5.65
CA ARG A 287 3.28 27.20 5.49
C ARG A 287 1.88 26.61 5.61
N GLU A 288 1.69 25.38 5.12
CA GLU A 288 0.40 24.70 5.25
C GLU A 288 0.16 24.10 6.64
N GLY A 289 1.08 24.34 7.58
CA GLY A 289 0.88 23.92 8.98
C GLY A 289 1.39 22.53 9.33
N TYR A 290 2.20 21.93 8.44
CA TYR A 290 2.80 20.63 8.71
C TYR A 290 4.11 20.80 9.45
N THR A 291 4.44 19.79 10.27
CA THR A 291 5.77 19.71 10.83
C THR A 291 6.70 19.18 9.74
N VAL A 292 7.74 19.95 9.48
CA VAL A 292 8.76 19.63 8.48
C VAL A 292 10.15 19.76 9.12
N ARG A 293 11.02 18.82 8.82
CA ARG A 293 12.43 18.92 9.23
C ARG A 293 13.30 18.71 8.02
N ALA A 294 14.43 19.41 8.00
CA ALA A 294 15.50 19.12 7.05
C ALA A 294 16.67 18.42 7.78
N TYR A 295 17.19 17.38 7.14
CA TYR A 295 18.29 16.59 7.68
C TYR A 295 19.60 17.28 7.21
N VAL A 296 20.33 17.86 8.16
CA VAL A 296 21.47 18.77 7.89
C VAL A 296 22.80 18.09 8.26
N PRO A 297 23.59 17.70 7.27
CA PRO A 297 24.89 17.15 7.64
C PRO A 297 25.91 18.25 7.94
N TYR A 298 26.90 17.93 8.77
CA TYR A 298 28.03 18.84 8.98
C TYR A 298 29.19 18.00 9.49
N GLY A 299 30.41 18.51 9.31
CA GLY A 299 31.60 17.79 9.76
C GLY A 299 32.67 17.88 8.71
N ARG A 300 33.80 17.24 8.97
CA ARG A 300 34.97 17.33 8.11
C ARG A 300 34.87 16.46 6.86
N ASP A 301 34.23 15.29 6.98
CA ASP A 301 34.14 14.33 5.87
C ASP A 301 32.85 14.53 5.05
N TRP A 302 32.63 15.74 4.56
CA TRP A 302 31.36 16.08 3.87
C TRP A 302 31.40 15.82 2.35
N TYR A 303 32.60 15.69 1.79
CA TYR A 303 32.72 15.55 0.33
C TYR A 303 32.01 14.29 -0.26
N PRO A 304 32.25 13.07 0.29
CA PRO A 304 31.42 11.91 -0.11
C PRO A 304 29.87 12.09 -0.04
N TYR A 305 29.31 12.58 1.05
CA TYR A 305 27.87 12.86 1.12
C TYR A 305 27.45 13.78 -0.05
N LEU A 306 28.23 14.83 -0.28
CA LEU A 306 27.83 15.85 -1.24
C LEU A 306 27.85 15.24 -2.64
N THR A 307 28.88 14.43 -2.91
CA THR A 307 28.99 13.69 -4.17
C THR A 307 27.69 12.93 -4.49
N ARG A 308 27.14 12.27 -3.47
CA ARG A 308 25.93 11.48 -3.61
C ARG A 308 24.67 12.32 -3.86
N ARG A 309 24.64 13.56 -3.36
CA ARG A 309 23.54 14.51 -3.64
C ARG A 309 23.53 14.99 -5.09
N ILE A 310 24.72 15.27 -5.63
CA ILE A 310 24.90 15.65 -7.04
C ILE A 310 24.55 14.48 -7.97
N ALA A 311 25.15 13.32 -7.71
CA ALA A 311 24.95 12.13 -8.54
C ALA A 311 23.49 11.68 -8.68
N GLU A 312 22.78 11.58 -7.55
CA GLU A 312 21.44 11.00 -7.47
C GLU A 312 20.35 11.65 -8.32
N ARG A 313 20.61 12.85 -8.86
CA ARG A 313 19.59 13.68 -9.53
C ARG A 313 20.23 14.74 -10.43
N PRO A 314 20.15 14.55 -11.77
CA PRO A 314 20.67 15.40 -12.88
C PRO A 314 20.90 16.93 -12.69
N GLU A 315 20.53 17.47 -11.52
CA GLU A 315 21.20 18.64 -10.89
C GLU A 315 21.34 20.00 -11.64
N ASN A 316 22.56 20.55 -11.59
CA ASN A 316 22.94 21.88 -12.11
C ASN A 316 22.31 23.05 -11.35
N LEU B 15 -17.02 14.37 -25.88
CA LEU B 15 -16.19 14.64 -24.65
C LEU B 15 -14.69 14.73 -24.98
N TYR B 16 -14.09 15.82 -24.52
CA TYR B 16 -12.65 16.02 -24.49
C TYR B 16 -12.22 16.05 -23.02
N PHE B 17 -10.98 15.68 -22.76
CA PHE B 17 -10.44 15.70 -21.39
C PHE B 17 -9.11 16.44 -21.27
N GLN B 18 -9.19 17.66 -20.73
CA GLN B 18 -8.07 18.58 -20.58
C GLN B 18 -7.32 18.83 -21.90
N GLY B 19 -8.06 19.15 -22.95
CA GLY B 19 -7.46 19.64 -24.19
C GLY B 19 -7.55 18.69 -25.38
N HIS B 20 -7.56 17.39 -25.08
CA HIS B 20 -7.55 16.35 -26.10
C HIS B 20 -8.74 15.41 -25.92
N MET B 21 -9.09 14.71 -26.98
CA MET B 21 -10.18 13.73 -26.98
C MET B 21 -10.13 12.77 -25.78
N ASN B 22 -11.29 12.47 -25.20
CA ASN B 22 -11.41 11.48 -24.14
C ASN B 22 -11.24 10.08 -24.73
N LEU B 23 -10.04 9.51 -24.54
CA LEU B 23 -9.65 8.22 -25.13
C LEU B 23 -10.48 7.06 -24.61
N ASP B 24 -10.70 7.09 -23.30
CA ASP B 24 -11.51 6.09 -22.62
C ASP B 24 -12.94 6.12 -23.14
N LEU B 25 -13.54 7.31 -23.24
CA LEU B 25 -14.86 7.42 -23.87
C LEU B 25 -14.88 6.99 -25.34
N ALA B 26 -13.89 7.41 -26.12
CA ALA B 26 -13.83 7.06 -27.56
C ALA B 26 -13.80 5.54 -27.77
N TYR B 27 -12.94 4.85 -27.01
CA TYR B 27 -12.81 3.40 -27.10
C TYR B 27 -14.11 2.68 -26.75
N ARG B 28 -14.66 2.98 -25.57
CA ARG B 28 -15.95 2.51 -25.07
C ARG B 28 -17.07 2.64 -26.10
N SER B 29 -17.23 3.86 -26.63
CA SER B 29 -18.27 4.18 -27.58
C SER B 29 -18.10 3.43 -28.89
N PHE B 30 -16.85 3.17 -29.26
CA PHE B 30 -16.55 2.40 -30.48
C PHE B 30 -16.90 0.92 -30.28
N VAL B 31 -16.38 0.34 -29.21
CA VAL B 31 -16.72 -1.03 -28.83
C VAL B 31 -18.24 -1.21 -28.82
N LEU B 32 -18.92 -0.36 -28.05
CA LEU B 32 -20.39 -0.40 -27.97
C LEU B 32 -21.07 -0.28 -29.33
N GLY B 33 -20.64 0.71 -30.12
CA GLY B 33 -21.18 0.92 -31.46
C GLY B 33 -20.98 -0.24 -32.41
N VAL B 34 -19.80 -0.87 -32.34
CA VAL B 34 -19.48 -2.05 -33.17
C VAL B 34 -20.24 -3.31 -32.69
N ALA B 35 -20.28 -3.55 -31.38
CA ALA B 35 -21.04 -4.68 -30.82
C ALA B 35 -22.54 -4.61 -31.09
N GLY B 36 -23.12 -3.41 -31.02
CA GLY B 36 -24.55 -3.19 -31.27
C GLY B 36 -24.98 -3.32 -32.72
N HIS B 37 -24.01 -3.32 -33.64
CA HIS B 37 -24.27 -3.51 -35.06
C HIS B 37 -24.79 -4.94 -35.25
N PRO B 38 -26.00 -5.07 -35.85
CA PRO B 38 -26.72 -6.33 -36.00
C PRO B 38 -25.88 -7.43 -36.67
N GLN B 39 -25.15 -7.06 -37.72
CA GLN B 39 -24.26 -7.97 -38.45
C GLN B 39 -23.09 -8.50 -37.61
N VAL B 40 -22.47 -7.62 -36.81
CA VAL B 40 -21.37 -8.02 -35.91
C VAL B 40 -21.87 -8.99 -34.83
N GLU B 41 -23.09 -8.76 -34.33
CA GLU B 41 -23.69 -9.62 -33.31
C GLU B 41 -24.04 -11.01 -33.87
N ARG B 42 -24.62 -11.03 -35.07
CA ARG B 42 -24.86 -12.28 -35.80
C ARG B 42 -23.55 -13.02 -36.03
N LEU B 43 -22.53 -12.30 -36.51
CA LEU B 43 -21.20 -12.88 -36.78
C LEU B 43 -20.59 -13.55 -35.55
N ILE B 44 -20.62 -12.85 -34.42
CA ILE B 44 -20.01 -13.34 -33.18
C ILE B 44 -20.75 -14.56 -32.60
N LYS B 45 -22.08 -14.52 -32.61
CA LYS B 45 -22.87 -15.65 -32.13
C LYS B 45 -22.71 -16.88 -33.04
N HIS B 46 -22.35 -16.65 -34.31
CA HIS B 46 -22.19 -17.73 -35.28
C HIS B 46 -20.76 -18.26 -35.38
N ARG B 47 -19.79 -17.37 -35.62
CA ARG B 47 -18.40 -17.81 -35.88
C ARG B 47 -17.45 -17.76 -34.67
N ALA B 48 -17.90 -17.23 -33.54
CA ALA B 48 -17.05 -17.07 -32.35
C ALA B 48 -17.52 -17.80 -31.07
N LYS B 49 -18.28 -18.88 -31.24
CA LYS B 49 -18.81 -19.68 -30.12
C LYS B 49 -17.73 -20.32 -29.26
N GLY B 50 -16.66 -20.81 -29.89
CA GLY B 50 -15.52 -21.36 -29.14
C GLY B 50 -14.88 -20.31 -28.25
N LEU B 51 -14.77 -19.10 -28.80
CA LEU B 51 -14.22 -17.97 -28.06
C LEU B 51 -15.11 -17.56 -26.88
N VAL B 52 -16.43 -17.49 -27.11
CA VAL B 52 -17.38 -17.11 -26.06
C VAL B 52 -17.44 -18.10 -24.89
N ARG B 53 -17.59 -19.40 -25.20
CA ARG B 53 -17.70 -20.43 -24.14
C ARG B 53 -16.43 -20.55 -23.29
N ARG B 54 -15.34 -19.91 -23.73
CA ARG B 54 -14.15 -19.83 -22.91
C ARG B 54 -14.36 -18.95 -21.66
N TYR B 55 -15.24 -17.97 -21.79
CA TYR B 55 -15.44 -16.93 -20.76
C TYR B 55 -16.83 -16.94 -20.15
N VAL B 56 -17.74 -17.65 -20.80
CA VAL B 56 -19.15 -17.74 -20.44
C VAL B 56 -19.54 -19.20 -20.53
N ALA B 57 -20.05 -19.74 -19.44
CA ALA B 57 -20.33 -21.17 -19.39
C ALA B 57 -21.29 -21.55 -20.54
N GLY B 58 -22.41 -20.83 -20.63
CA GLY B 58 -23.36 -20.99 -21.73
C GLY B 58 -24.56 -20.14 -21.37
N GLU B 59 -25.68 -20.39 -22.02
CA GLU B 59 -26.91 -19.67 -21.72
C GLU B 59 -27.72 -20.24 -20.55
N THR B 60 -27.39 -21.45 -20.11
CA THR B 60 -28.23 -22.16 -19.14
C THR B 60 -27.51 -22.50 -17.84
N LEU B 61 -28.31 -22.73 -16.80
CA LEU B 61 -27.87 -23.26 -15.53
C LEU B 61 -27.15 -24.62 -15.67
N GLU B 62 -27.66 -25.46 -16.55
CA GLU B 62 -27.08 -26.76 -16.85
C GLU B 62 -25.65 -26.65 -17.41
N GLU B 63 -25.41 -25.81 -18.42
CA GLU B 63 -24.04 -25.50 -18.86
C GLU B 63 -23.13 -24.97 -17.73
N ALA B 64 -23.65 -24.06 -16.91
CA ALA B 64 -22.94 -23.49 -15.76
C ALA B 64 -22.54 -24.57 -14.75
N LEU B 65 -23.45 -25.48 -14.45
CA LEU B 65 -23.14 -26.58 -13.53
C LEU B 65 -22.14 -27.56 -14.15
N LYS B 66 -22.26 -27.84 -15.45
CA LYS B 66 -21.23 -28.61 -16.16
C LYS B 66 -19.86 -27.93 -16.09
N ALA B 67 -19.84 -26.60 -16.26
CA ALA B 67 -18.57 -25.84 -16.25
C ALA B 67 -17.89 -25.91 -14.88
N ALA B 68 -18.70 -25.83 -13.81
CA ALA B 68 -18.25 -25.97 -12.42
C ALA B 68 -17.71 -27.38 -12.11
N GLU B 69 -18.34 -28.40 -12.67
CA GLU B 69 -17.85 -29.76 -12.48
C GLU B 69 -16.52 -29.94 -13.19
N ALA B 70 -16.38 -29.38 -14.39
CA ALA B 70 -15.10 -29.37 -15.11
C ALA B 70 -13.98 -28.59 -14.41
N LEU B 71 -14.31 -27.52 -13.71
CA LEU B 71 -13.33 -26.81 -12.90
C LEU B 71 -12.91 -27.69 -11.72
N GLU B 72 -13.89 -28.28 -11.05
CA GLU B 72 -13.67 -29.13 -9.87
C GLU B 72 -12.78 -30.33 -10.18
N ARG B 73 -13.01 -30.94 -11.33
CA ARG B 73 -12.15 -32.02 -11.83
C ARG B 73 -10.66 -31.62 -11.83
N GLU B 74 -10.43 -30.31 -12.09
CA GLU B 74 -9.08 -29.74 -12.18
C GLU B 74 -8.53 -29.12 -10.90
N GLY B 75 -9.33 -29.12 -9.82
CA GLY B 75 -8.81 -28.66 -8.54
C GLY B 75 -9.24 -27.23 -8.28
N VAL B 76 -10.14 -26.71 -9.11
CA VAL B 76 -10.53 -25.30 -9.06
C VAL B 76 -12.03 -25.22 -8.78
N HIS B 77 -12.39 -24.32 -7.86
CA HIS B 77 -13.78 -24.11 -7.47
C HIS B 77 -14.51 -23.06 -8.35
N ALA B 78 -15.83 -23.05 -8.29
CA ALA B 78 -16.63 -22.21 -9.18
C ALA B 78 -17.41 -21.17 -8.37
N ILE B 79 -17.46 -19.95 -8.91
CA ILE B 79 -18.44 -18.96 -8.47
C ILE B 79 -19.45 -18.80 -9.61
N LEU B 80 -20.73 -19.11 -9.37
CA LEU B 80 -21.74 -19.05 -10.44
C LEU B 80 -22.44 -17.68 -10.45
N ASP B 81 -22.36 -16.98 -11.58
CA ASP B 81 -22.89 -15.62 -11.67
C ASP B 81 -23.97 -15.57 -12.76
N LEU B 82 -25.24 -15.55 -12.36
CA LEU B 82 -26.33 -15.43 -13.33
C LEU B 82 -26.36 -14.05 -13.99
N LEU B 83 -26.35 -14.05 -15.33
CA LEU B 83 -26.43 -12.85 -16.14
C LEU B 83 -27.88 -12.58 -16.54
N GLY B 84 -28.28 -11.32 -16.49
CA GLY B 84 -29.60 -10.92 -16.96
C GLY B 84 -29.56 -9.51 -17.48
N GLU B 85 -30.48 -9.18 -18.38
CA GLU B 85 -30.63 -7.81 -18.83
C GLU B 85 -30.88 -6.93 -17.61
N MET B 86 -30.48 -5.66 -17.68
CA MET B 86 -30.61 -4.82 -16.49
C MET B 86 -32.06 -4.60 -16.08
N VAL B 87 -32.31 -4.93 -14.81
CA VAL B 87 -33.59 -4.86 -14.14
C VAL B 87 -34.02 -3.40 -14.01
N ARG B 88 -35.26 -3.11 -14.40
CA ARG B 88 -35.77 -1.75 -14.34
C ARG B 88 -37.18 -1.69 -13.73
N THR B 89 -37.75 -2.84 -13.42
CA THR B 89 -39.09 -2.91 -12.85
C THR B 89 -39.12 -3.93 -11.71
N GLU B 90 -40.08 -3.82 -10.80
CA GLU B 90 -40.21 -4.78 -9.70
C GLU B 90 -40.41 -6.20 -10.22
N GLU B 91 -41.22 -6.33 -11.26
CA GLU B 91 -41.48 -7.61 -11.91
C GLU B 91 -40.19 -8.26 -12.43
N GLU B 92 -39.35 -7.47 -13.07
CA GLU B 92 -38.07 -7.96 -13.58
C GLU B 92 -37.10 -8.37 -12.48
N ALA B 93 -37.17 -7.68 -11.32
CA ALA B 93 -36.34 -8.01 -10.15
C ALA B 93 -36.77 -9.35 -9.53
N ARG B 94 -38.08 -9.56 -9.54
CA ARG B 94 -38.68 -10.81 -9.07
C ARG B 94 -38.35 -11.97 -10.01
N ALA B 95 -38.45 -11.73 -11.32
CA ALA B 95 -38.03 -12.71 -12.34
C ALA B 95 -36.55 -13.09 -12.18
N PHE B 96 -35.69 -12.09 -11.96
CA PHE B 96 -34.27 -12.34 -11.70
C PHE B 96 -34.04 -13.14 -10.41
N GLN B 97 -34.71 -12.74 -9.34
CA GLN B 97 -34.66 -13.51 -8.09
C GLN B 97 -35.06 -14.98 -8.30
N ARG B 98 -36.06 -15.23 -9.15
CA ARG B 98 -36.49 -16.60 -9.44
C ARG B 98 -35.33 -17.41 -10.04
N GLY B 99 -34.60 -16.78 -10.96
CA GLY B 99 -33.40 -17.35 -11.57
C GLY B 99 -32.34 -17.69 -10.54
N LEU B 100 -32.16 -16.78 -9.58
CA LEU B 100 -31.24 -17.00 -8.45
C LEU B 100 -31.66 -18.18 -7.57
N LEU B 101 -32.95 -18.26 -7.24
CA LEU B 101 -33.50 -19.38 -6.45
C LEU B 101 -33.29 -20.72 -7.15
N GLU B 102 -33.59 -20.78 -8.44
CA GLU B 102 -33.33 -21.99 -9.23
C GLU B 102 -31.87 -22.42 -9.14
N LEU B 103 -30.95 -21.46 -9.15
CA LEU B 103 -29.52 -21.77 -9.05
C LEU B 103 -29.15 -22.35 -7.69
N VAL B 104 -29.62 -21.70 -6.62
CA VAL B 104 -29.45 -22.17 -5.23
C VAL B 104 -29.97 -23.58 -5.04
N TRP B 105 -31.18 -23.86 -5.53
CA TRP B 105 -31.77 -25.20 -5.41
C TRP B 105 -30.99 -26.25 -6.18
N ALA B 106 -30.54 -25.90 -7.38
CA ALA B 106 -29.76 -26.82 -8.22
C ALA B 106 -28.39 -27.08 -7.61
N LEU B 107 -27.84 -26.08 -6.94
CA LEU B 107 -26.55 -26.24 -6.28
C LEU B 107 -26.65 -27.12 -5.04
N ALA B 108 -27.86 -27.24 -4.48
CA ALA B 108 -28.12 -27.90 -3.20
C ALA B 108 -27.49 -29.28 -3.06
N GLY B 109 -27.67 -30.14 -4.05
CA GLY B 109 -27.12 -31.50 -4.01
C GLY B 109 -25.60 -31.62 -4.03
N LYS B 110 -24.95 -30.64 -4.68
CA LYS B 110 -23.59 -30.78 -5.19
C LYS B 110 -22.54 -31.01 -4.12
N PRO B 111 -21.65 -32.00 -4.32
CA PRO B 111 -20.55 -32.34 -3.40
C PRO B 111 -19.36 -31.35 -3.41
N TRP B 112 -19.55 -30.14 -3.90
CA TRP B 112 -18.44 -29.21 -3.91
C TRP B 112 -18.87 -27.88 -3.33
N PRO B 113 -17.91 -26.98 -3.02
CA PRO B 113 -18.22 -25.62 -2.56
C PRO B 113 -19.19 -24.89 -3.47
N LYS B 114 -20.26 -24.38 -2.87
CA LYS B 114 -21.35 -23.74 -3.55
C LYS B 114 -21.25 -22.23 -3.24
N TYR B 115 -21.07 -21.44 -4.30
CA TYR B 115 -20.79 -20.03 -4.18
C TYR B 115 -21.46 -19.34 -5.39
N ILE B 116 -22.35 -18.41 -5.09
CA ILE B 116 -22.99 -17.56 -6.12
C ILE B 116 -22.70 -16.08 -5.90
N SER B 117 -22.74 -15.32 -6.99
CA SER B 117 -22.50 -13.87 -6.94
C SER B 117 -23.72 -13.16 -7.50
N LEU B 118 -24.13 -12.06 -6.91
CA LEU B 118 -25.24 -11.30 -7.47
C LEU B 118 -24.99 -9.80 -7.30
N LYS B 119 -25.63 -9.01 -8.15
CA LYS B 119 -25.70 -7.56 -8.01
C LYS B 119 -27.02 -7.15 -7.37
N LEU B 120 -26.96 -6.28 -6.38
CA LEU B 120 -28.18 -5.74 -5.77
C LEU B 120 -29.09 -4.96 -6.72
N THR B 121 -28.53 -4.29 -7.72
CA THR B 121 -29.39 -3.61 -8.71
C THR B 121 -30.28 -4.62 -9.47
N GLN B 122 -29.81 -5.85 -9.63
CA GLN B 122 -30.60 -6.91 -10.30
C GLN B 122 -31.69 -7.47 -9.41
N LEU B 123 -31.67 -7.13 -8.12
CA LEU B 123 -32.82 -7.37 -7.23
C LEU B 123 -33.59 -6.09 -6.92
N GLY B 124 -33.43 -5.08 -7.79
CA GLY B 124 -34.19 -3.87 -7.76
C GLY B 124 -33.74 -2.80 -6.80
N LEU B 125 -32.47 -2.79 -6.40
CA LEU B 125 -31.95 -1.78 -5.47
C LEU B 125 -32.32 -0.35 -5.87
N ASP B 126 -32.15 0.00 -7.15
CA ASP B 126 -32.38 1.37 -7.62
C ASP B 126 -33.84 1.79 -7.57
N LEU B 127 -34.74 0.81 -7.57
CA LEU B 127 -36.18 1.04 -7.46
C LEU B 127 -36.61 1.17 -6.01
N SER B 128 -36.14 0.24 -5.18
CA SER B 128 -36.49 0.21 -3.77
C SER B 128 -35.44 -0.58 -3.00
N GLU B 129 -34.86 0.04 -1.99
CA GLU B 129 -33.92 -0.64 -1.11
C GLU B 129 -34.60 -1.70 -0.24
N ASP B 130 -35.81 -1.39 0.23
CA ASP B 130 -36.65 -2.35 0.91
C ASP B 130 -36.99 -3.59 0.08
N LEU B 131 -37.37 -3.37 -1.20
CA LEU B 131 -37.58 -4.49 -2.12
C LEU B 131 -36.33 -5.38 -2.23
N ALA B 132 -35.19 -4.77 -2.56
CA ALA B 132 -33.91 -5.48 -2.71
C ALA B 132 -33.54 -6.37 -1.49
N LEU B 133 -33.62 -5.78 -0.30
CA LEU B 133 -33.41 -6.49 0.95
C LEU B 133 -34.38 -7.66 1.14
N ALA B 134 -35.65 -7.42 0.85
CA ALA B 134 -36.71 -8.44 0.94
C ALA B 134 -36.39 -9.65 0.07
N LEU B 135 -36.05 -9.39 -1.19
CA LEU B 135 -35.78 -10.42 -2.17
C LEU B 135 -34.48 -11.14 -1.85
N LEU B 136 -33.47 -10.36 -1.42
CA LEU B 136 -32.20 -10.94 -0.99
C LEU B 136 -32.32 -11.85 0.23
N ARG B 137 -33.08 -11.43 1.24
CA ARG B 137 -33.34 -12.27 2.41
C ARG B 137 -33.99 -13.62 2.06
N GLU B 138 -34.97 -13.62 1.15
CA GLU B 138 -35.54 -14.86 0.61
C GLU B 138 -34.50 -15.74 -0.08
N VAL B 139 -33.54 -15.13 -0.78
CA VAL B 139 -32.47 -15.91 -1.42
C VAL B 139 -31.58 -16.55 -0.35
N LEU B 140 -31.21 -15.74 0.64
CA LEU B 140 -30.40 -16.17 1.78
C LEU B 140 -31.10 -17.24 2.60
N ARG B 141 -32.42 -17.15 2.72
CA ARG B 141 -33.20 -18.18 3.44
C ARG B 141 -33.05 -19.57 2.81
N GLU B 142 -32.97 -19.58 1.48
CA GLU B 142 -32.82 -20.83 0.73
C GLU B 142 -31.39 -21.27 0.71
N ALA B 143 -30.49 -20.31 0.52
CA ALA B 143 -29.05 -20.56 0.42
C ALA B 143 -28.42 -21.04 1.73
N GLU B 144 -28.68 -20.31 2.82
CA GLU B 144 -28.01 -20.55 4.11
C GLU B 144 -28.07 -22.03 4.59
N PRO B 145 -29.29 -22.62 4.68
CA PRO B 145 -29.37 -24.04 5.12
C PRO B 145 -28.80 -25.06 4.13
N ARG B 146 -28.61 -24.65 2.87
CA ARG B 146 -28.06 -25.55 1.85
C ARG B 146 -26.55 -25.41 1.71
N GLY B 147 -25.96 -24.51 2.49
CA GLY B 147 -24.51 -24.25 2.42
C GLY B 147 -24.09 -23.55 1.15
N VAL B 148 -24.99 -22.74 0.57
CA VAL B 148 -24.66 -21.95 -0.60
C VAL B 148 -24.24 -20.57 -0.12
N PHE B 149 -22.99 -20.21 -0.42
CA PHE B 149 -22.47 -18.90 -0.09
C PHE B 149 -22.92 -17.86 -1.12
N VAL B 150 -23.32 -16.68 -0.63
CA VAL B 150 -23.81 -15.60 -1.53
C VAL B 150 -22.92 -14.38 -1.43
N ARG B 151 -22.22 -14.03 -2.52
CA ARG B 151 -21.46 -12.78 -2.60
C ARG B 151 -22.29 -11.60 -3.20
N LEU B 152 -22.27 -10.47 -2.49
CA LEU B 152 -22.86 -9.23 -2.96
C LEU B 152 -21.75 -8.51 -3.72
N ASP B 153 -21.83 -8.58 -5.05
CA ASP B 153 -20.85 -7.92 -5.90
C ASP B 153 -20.93 -6.42 -5.70
N MET B 154 -19.78 -5.73 -5.68
CA MET B 154 -19.84 -4.29 -5.44
C MET B 154 -19.99 -3.55 -6.75
N GLU B 155 -21.01 -2.73 -6.82
CA GLU B 155 -21.25 -1.95 -8.00
C GLU B 155 -20.55 -0.60 -7.81
N ASP B 156 -21.11 0.46 -8.39
CA ASP B 156 -20.39 1.72 -8.44
C ASP B 156 -20.61 2.56 -7.19
N SER B 157 -19.81 3.60 -7.04
CA SER B 157 -19.69 4.31 -5.78
C SER B 157 -21.02 4.82 -5.17
N PRO B 158 -22.01 5.22 -6.00
CA PRO B 158 -23.30 5.64 -5.41
C PRO B 158 -24.08 4.47 -4.78
N ARG B 159 -23.64 3.24 -5.01
CA ARG B 159 -24.34 2.06 -4.46
C ARG B 159 -23.66 1.40 -3.27
N VAL B 160 -22.48 1.89 -2.90
CA VAL B 160 -21.72 1.33 -1.78
C VAL B 160 -22.45 1.39 -0.44
N GLU B 161 -22.99 2.57 -0.06
CA GLU B 161 -23.62 2.73 1.27
C GLU B 161 -24.77 1.74 1.46
N ALA B 162 -25.66 1.65 0.48
CA ALA B 162 -26.80 0.74 0.53
C ALA B 162 -26.38 -0.72 0.57
N THR B 163 -25.30 -1.06 -0.15
CA THR B 163 -24.80 -2.45 -0.17
C THR B 163 -24.31 -2.88 1.21
N LEU B 164 -23.59 -1.96 1.87
CA LEU B 164 -23.02 -2.26 3.21
C LEU B 164 -24.15 -2.30 4.25
N ARG B 165 -25.10 -1.39 4.12
CA ARG B 165 -26.30 -1.35 4.93
C ARG B 165 -27.09 -2.67 4.86
N LEU B 166 -27.27 -3.20 3.65
CA LEU B 166 -28.03 -4.46 3.47
C LEU B 166 -27.22 -5.66 3.95
N TYR B 167 -25.91 -5.65 3.70
CA TYR B 167 -25.02 -6.63 4.28
C TYR B 167 -25.12 -6.66 5.81
N ARG B 168 -25.04 -5.48 6.45
CA ARG B 168 -25.07 -5.41 7.92
C ARG B 168 -26.40 -5.91 8.45
N ALA B 169 -27.49 -5.51 7.80
CA ALA B 169 -28.84 -5.90 8.19
C ALA B 169 -28.99 -7.42 8.18
N LEU B 170 -28.51 -8.06 7.12
CA LEU B 170 -28.60 -9.52 7.02
C LEU B 170 -27.72 -10.27 8.02
N ARG B 171 -26.49 -9.79 8.23
CA ARG B 171 -25.63 -10.28 9.30
C ARG B 171 -26.31 -10.23 10.65
N GLU B 172 -26.97 -9.10 10.93
CA GLU B 172 -27.64 -8.88 12.20
C GLU B 172 -28.95 -9.70 12.35
N GLU B 173 -29.46 -10.24 11.24
CA GLU B 173 -30.64 -11.10 11.28
C GLU B 173 -30.25 -12.56 11.42
N GLY B 174 -28.95 -12.82 11.44
CA GLY B 174 -28.43 -14.14 11.74
C GLY B 174 -27.74 -14.87 10.59
N PHE B 175 -27.73 -14.26 9.39
CA PHE B 175 -27.12 -14.90 8.20
C PHE B 175 -25.59 -14.84 8.23
N SER B 176 -24.92 -15.93 7.88
CA SER B 176 -23.46 -15.91 7.78
C SER B 176 -22.92 -16.30 6.41
N GLN B 177 -23.75 -16.96 5.61
CA GLN B 177 -23.37 -17.38 4.26
C GLN B 177 -23.49 -16.21 3.25
N VAL B 178 -23.03 -15.04 3.65
CA VAL B 178 -23.11 -13.84 2.80
C VAL B 178 -21.80 -13.03 2.96
N GLY B 179 -21.34 -12.46 1.85
CA GLY B 179 -20.09 -11.76 1.85
C GLY B 179 -20.18 -10.51 1.03
N ILE B 180 -19.16 -9.67 1.20
CA ILE B 180 -19.07 -8.40 0.47
C ILE B 180 -17.84 -8.34 -0.39
N VAL B 181 -17.81 -7.33 -1.26
CA VAL B 181 -16.68 -7.07 -2.15
C VAL B 181 -16.26 -5.65 -1.79
N LEU B 182 -14.95 -5.43 -1.58
CA LEU B 182 -14.39 -4.06 -1.41
C LEU B 182 -13.40 -3.77 -2.54
N GLN B 183 -13.45 -2.54 -3.04
CA GLN B 183 -12.69 -2.08 -4.19
C GLN B 183 -11.54 -1.19 -3.73
N SER B 184 -10.33 -1.55 -4.09
CA SER B 184 -9.13 -0.81 -3.64
C SER B 184 -8.99 0.60 -4.25
N TYR B 185 -9.62 0.87 -5.41
CA TYR B 185 -9.52 2.20 -6.01
C TYR B 185 -10.27 3.29 -5.28
N LEU B 186 -11.17 2.95 -4.36
CA LEU B 186 -11.92 4.00 -3.67
C LEU B 186 -11.17 4.53 -2.45
N TYR B 187 -11.12 5.84 -2.28
CA TYR B 187 -10.61 6.44 -1.03
C TYR B 187 -11.37 5.97 0.22
N ARG B 188 -12.65 5.67 0.06
CA ARG B 188 -13.48 5.33 1.21
C ARG B 188 -13.29 3.90 1.75
N THR B 189 -12.59 3.04 1.00
CA THR B 189 -12.57 1.62 1.30
C THR B 189 -11.85 1.30 2.63
N GLU B 190 -10.76 2.02 2.95
CA GLU B 190 -10.05 1.63 4.19
C GLU B 190 -10.98 1.83 5.41
N LYS B 191 -11.62 2.98 5.48
CA LYS B 191 -12.64 3.27 6.49
C LYS B 191 -13.83 2.28 6.50
N ASP B 192 -14.32 1.88 5.33
CA ASP B 192 -15.38 0.86 5.26
C ASP B 192 -14.89 -0.45 5.86
N LEU B 193 -13.68 -0.87 5.50
CA LEU B 193 -13.06 -2.05 6.09
C LEU B 193 -13.00 -1.98 7.63
N LEU B 194 -12.50 -0.88 8.17
CA LEU B 194 -12.30 -0.77 9.60
C LEU B 194 -13.63 -0.70 10.32
N ASP B 195 -14.62 -0.03 9.72
CA ASP B 195 -16.01 0.02 10.21
C ASP B 195 -16.72 -1.35 10.28
N LEU B 196 -16.45 -2.20 9.29
CA LEU B 196 -17.01 -3.54 9.20
C LEU B 196 -16.33 -4.60 10.08
N LEU B 197 -15.20 -4.25 10.71
CA LEU B 197 -14.41 -5.22 11.49
C LEU B 197 -15.23 -6.06 12.49
N PRO B 198 -16.12 -5.43 13.28
CA PRO B 198 -16.99 -6.17 14.20
C PRO B 198 -17.85 -7.26 13.53
N TYR B 199 -18.11 -7.11 12.22
CA TYR B 199 -18.89 -8.08 11.46
C TYR B 199 -18.08 -9.31 11.09
N ARG B 200 -16.76 -9.24 11.28
CA ARG B 200 -15.81 -10.27 10.81
C ARG B 200 -16.16 -10.66 9.38
N PRO B 201 -16.20 -9.67 8.46
CA PRO B 201 -16.79 -10.03 7.17
C PRO B 201 -15.88 -10.96 6.36
N ASN B 202 -16.52 -11.81 5.55
CA ASN B 202 -15.84 -12.54 4.49
C ASN B 202 -15.75 -11.57 3.30
N LEU B 203 -14.52 -11.30 2.87
CA LEU B 203 -14.25 -10.23 1.94
C LEU B 203 -13.63 -10.74 0.64
N ARG B 204 -14.21 -10.29 -0.49
CA ARG B 204 -13.52 -10.35 -1.75
C ARG B 204 -12.87 -8.98 -2.00
N LEU B 205 -11.57 -8.97 -2.27
CA LEU B 205 -10.90 -7.70 -2.54
C LEU B 205 -10.62 -7.60 -4.03
N VAL B 206 -11.07 -6.48 -4.62
CA VAL B 206 -10.90 -6.23 -6.05
C VAL B 206 -10.29 -4.85 -6.19
N LYS B 207 -9.68 -4.57 -7.33
CA LYS B 207 -9.27 -3.18 -7.60
C LYS B 207 -10.46 -2.27 -7.89
N GLY B 208 -11.44 -2.81 -8.64
CA GLY B 208 -12.66 -2.09 -8.97
C GLY B 208 -12.84 -1.97 -10.47
N ALA B 209 -14.07 -2.13 -10.95
CA ALA B 209 -14.39 -2.22 -12.39
C ALA B 209 -14.98 -0.96 -13.04
N TYR B 210 -15.37 0.03 -12.24
CA TYR B 210 -16.15 1.18 -12.76
C TYR B 210 -15.32 2.41 -13.06
N ARG B 211 -15.92 3.33 -13.81
CA ARG B 211 -15.29 4.60 -14.07
C ARG B 211 -15.66 5.59 -12.97
N GLU B 212 -14.72 5.88 -12.09
CA GLU B 212 -15.02 6.73 -10.96
C GLU B 212 -14.22 8.02 -11.04
N PRO B 213 -14.84 9.16 -10.62
CA PRO B 213 -14.11 10.41 -10.70
C PRO B 213 -12.92 10.52 -9.73
N LYS B 214 -12.00 11.43 -10.04
CA LYS B 214 -10.84 11.76 -9.22
C LYS B 214 -11.19 12.03 -7.73
N GLU B 215 -12.41 12.50 -7.50
CA GLU B 215 -12.85 12.93 -6.19
C GLU B 215 -13.12 11.76 -5.25
N VAL B 216 -13.39 10.58 -5.82
CA VAL B 216 -13.76 9.43 -5.01
C VAL B 216 -12.80 8.21 -5.11
N ALA B 217 -11.99 8.20 -6.16
CA ALA B 217 -11.15 7.01 -6.47
C ALA B 217 -9.78 7.48 -6.95
N PHE B 218 -8.73 6.72 -6.59
CA PHE B 218 -7.36 7.04 -7.00
C PHE B 218 -7.32 6.99 -8.53
N PRO B 219 -6.85 8.07 -9.19
CA PRO B 219 -6.72 8.02 -10.67
C PRO B 219 -5.44 7.32 -11.13
N ASP B 220 -4.51 7.11 -10.19
CA ASP B 220 -3.19 6.59 -10.46
C ASP B 220 -3.20 5.07 -10.19
N LYS B 221 -2.88 4.30 -11.22
CA LYS B 221 -2.84 2.87 -11.17
C LYS B 221 -1.79 2.35 -10.17
N ARG B 222 -0.71 3.08 -9.95
CA ARG B 222 0.24 2.70 -8.91
C ARG B 222 -0.39 2.75 -7.53
N LEU B 223 -1.29 3.73 -7.30
CA LEU B 223 -1.93 3.93 -6.02
C LEU B 223 -3.05 2.95 -5.82
N ILE B 224 -3.79 2.69 -6.89
CA ILE B 224 -4.77 1.57 -6.86
C ILE B 224 -4.15 0.22 -6.45
N ASP B 225 -3.01 -0.14 -7.07
CA ASP B 225 -2.33 -1.39 -6.76
C ASP B 225 -1.74 -1.34 -5.33
N ALA B 226 -1.20 -0.19 -4.96
CA ALA B 226 -0.64 0.00 -3.61
C ALA B 226 -1.74 -0.13 -2.56
N GLU B 227 -2.90 0.50 -2.80
CA GLU B 227 -4.07 0.30 -1.93
C GLU B 227 -4.59 -1.14 -1.82
N TYR B 228 -4.62 -1.85 -2.95
CA TYR B 228 -4.94 -3.29 -2.94
C TYR B 228 -4.07 -4.06 -1.96
N LEU B 229 -2.75 -3.94 -2.09
CA LEU B 229 -1.84 -4.63 -1.17
C LEU B 229 -1.99 -4.20 0.28
N HIS B 230 -2.16 -2.91 0.52
CA HIS B 230 -2.36 -2.38 1.87
C HIS B 230 -3.64 -2.93 2.50
N LEU B 231 -4.76 -2.85 1.76
CA LEU B 231 -6.01 -3.37 2.29
C LEU B 231 -5.94 -4.89 2.46
N GLY B 232 -5.35 -5.58 1.49
CA GLY B 232 -5.26 -7.06 1.62
C GLY B 232 -4.51 -7.45 2.88
N LYS B 233 -3.35 -6.79 3.11
CA LYS B 233 -2.50 -7.06 4.28
C LYS B 233 -3.16 -6.69 5.61
N LEU B 234 -3.84 -5.55 5.63
CA LEU B 234 -4.63 -5.10 6.78
C LEU B 234 -5.73 -6.12 7.15
N ALA B 235 -6.49 -6.58 6.15
CA ALA B 235 -7.57 -7.58 6.37
C ALA B 235 -7.01 -8.89 6.88
N LEU B 236 -5.92 -9.36 6.28
CA LEU B 236 -5.24 -10.58 6.74
C LEU B 236 -4.74 -10.48 8.18
N LYS B 237 -4.04 -9.40 8.51
CA LYS B 237 -3.52 -9.18 9.88
C LYS B 237 -4.68 -9.07 10.87
N GLU B 238 -5.82 -8.58 10.39
CA GLU B 238 -6.99 -8.54 11.25
C GLU B 238 -7.62 -9.95 11.43
N GLY B 239 -7.22 -10.93 10.65
CA GLY B 239 -7.79 -12.28 10.77
C GLY B 239 -9.07 -12.46 9.95
N LEU B 240 -9.34 -11.54 9.03
CA LEU B 240 -10.50 -11.68 8.10
C LEU B 240 -10.19 -12.74 7.06
N TYR B 241 -11.19 -13.53 6.67
CA TYR B 241 -11.08 -14.37 5.48
C TYR B 241 -11.19 -13.46 4.23
N VAL B 242 -10.18 -13.52 3.36
CA VAL B 242 -10.08 -12.65 2.19
C VAL B 242 -9.89 -13.41 0.89
N ALA B 243 -10.74 -13.10 -0.07
CA ALA B 243 -10.61 -13.65 -1.42
C ALA B 243 -9.91 -12.58 -2.26
N PHE B 244 -8.71 -12.87 -2.74
CA PHE B 244 -8.02 -11.94 -3.62
C PHE B 244 -8.45 -12.17 -5.06
N ALA B 245 -9.44 -11.39 -5.50
CA ALA B 245 -9.94 -11.47 -6.85
C ALA B 245 -9.13 -10.51 -7.74
N THR B 246 -8.13 -11.06 -8.41
CA THR B 246 -7.17 -10.29 -9.21
C THR B 246 -6.41 -11.23 -10.12
N HIS B 247 -5.99 -10.72 -11.30
CA HIS B 247 -5.20 -11.49 -12.25
C HIS B 247 -3.77 -10.95 -12.32
N ASP B 248 -3.52 -9.91 -11.53
CA ASP B 248 -2.26 -9.18 -11.50
C ASP B 248 -1.16 -10.08 -10.92
N PRO B 249 -0.14 -10.45 -11.73
CA PRO B 249 0.95 -11.36 -11.27
C PRO B 249 1.90 -10.74 -10.22
N ARG B 250 2.06 -9.42 -10.26
CA ARG B 250 2.85 -8.71 -9.24
C ARG B 250 2.18 -8.79 -7.86
N ILE B 251 0.88 -8.56 -7.84
CA ILE B 251 0.09 -8.60 -6.63
C ILE B 251 -0.03 -10.04 -6.09
N ILE B 252 -0.33 -10.98 -6.98
CA ILE B 252 -0.38 -12.38 -6.58
C ILE B 252 0.95 -12.89 -5.93
N ALA B 253 2.06 -12.57 -6.59
CA ALA B 253 3.39 -12.97 -6.12
C ALA B 253 3.70 -12.37 -4.73
N GLU B 254 3.38 -11.10 -4.56
CA GLU B 254 3.56 -10.46 -3.26
C GLU B 254 2.67 -11.09 -2.17
N LEU B 255 1.41 -11.40 -2.50
CA LEU B 255 0.48 -11.97 -1.49
C LEU B 255 0.88 -13.39 -1.07
N LYS B 256 1.42 -14.15 -2.03
CA LYS B 256 2.01 -15.47 -1.77
C LYS B 256 3.25 -15.33 -0.87
N ARG B 257 4.12 -14.37 -1.18
CA ARG B 257 5.31 -14.15 -0.37
C ARG B 257 4.90 -13.73 1.04
N TYR B 258 3.97 -12.78 1.13
CA TYR B 258 3.52 -12.23 2.40
C TYR B 258 2.83 -13.25 3.32
N THR B 259 1.84 -13.98 2.79
CA THR B 259 1.15 -15.01 3.55
C THR B 259 2.08 -16.13 4.05
N GLU B 260 3.00 -16.57 3.19
CA GLU B 260 4.04 -17.51 3.58
C GLU B 260 4.95 -16.98 4.71
N ALA B 261 5.47 -15.75 4.56
CA ALA B 261 6.32 -15.13 5.57
C ALA B 261 5.60 -14.85 6.89
N MET B 262 4.33 -14.49 6.84
CA MET B 262 3.53 -14.26 8.04
C MET B 262 2.88 -15.55 8.61
N GLY B 263 3.10 -16.69 7.97
CA GLY B 263 2.47 -17.94 8.39
C GLY B 263 0.96 -17.86 8.40
N ILE B 264 0.37 -17.21 7.41
CA ILE B 264 -1.09 -17.17 7.28
C ILE B 264 -1.59 -18.48 6.66
N PRO B 265 -2.48 -19.22 7.37
CA PRO B 265 -2.86 -20.54 6.85
C PRO B 265 -3.60 -20.44 5.51
N ARG B 266 -3.49 -21.46 4.66
CA ARG B 266 -4.13 -21.50 3.32
C ARG B 266 -5.64 -21.54 3.42
N SER B 267 -6.13 -21.91 4.61
CA SER B 267 -7.55 -21.95 4.95
C SER B 267 -8.13 -20.55 5.27
N ARG B 268 -7.31 -19.51 5.21
CA ARG B 268 -7.81 -18.18 5.61
C ARG B 268 -7.85 -17.17 4.48
N PHE B 269 -7.51 -17.62 3.28
CA PHE B 269 -7.52 -16.72 2.11
C PHE B 269 -7.64 -17.55 0.82
N GLU B 270 -7.93 -16.88 -0.29
CA GLU B 270 -8.01 -17.60 -1.58
C GLU B 270 -7.71 -16.61 -2.72
N PHE B 271 -7.57 -17.16 -3.94
CA PHE B 271 -7.43 -16.36 -5.14
C PHE B 271 -8.61 -16.64 -6.04
N GLN B 272 -9.12 -15.60 -6.72
CA GLN B 272 -10.30 -15.68 -7.59
C GLN B 272 -9.96 -15.00 -8.93
N PHE B 273 -10.33 -15.68 -10.03
CA PHE B 273 -10.05 -15.30 -11.40
C PHE B 273 -11.39 -15.34 -12.12
N LEU B 274 -11.52 -14.53 -13.17
CA LEU B 274 -12.67 -14.67 -14.07
C LEU B 274 -12.47 -15.96 -14.84
N TYR B 275 -13.56 -16.71 -15.06
CA TYR B 275 -13.54 -17.91 -15.91
C TYR B 275 -12.84 -17.59 -17.24
N GLY B 276 -11.85 -18.43 -17.61
CA GLY B 276 -11.12 -18.29 -18.89
C GLY B 276 -9.92 -17.35 -18.92
N VAL B 277 -9.71 -16.62 -17.83
CA VAL B 277 -8.62 -15.67 -17.68
C VAL B 277 -7.47 -16.24 -16.84
N ARG B 278 -6.29 -16.31 -17.46
CA ARG B 278 -5.12 -16.98 -16.88
C ARG B 278 -5.47 -18.35 -16.32
N PRO B 279 -6.08 -19.23 -17.14
CA PRO B 279 -6.47 -20.53 -16.60
C PRO B 279 -5.29 -21.42 -16.17
N GLU B 280 -4.12 -21.23 -16.78
CA GLU B 280 -2.92 -21.95 -16.39
C GLU B 280 -2.50 -21.52 -15.01
N GLU B 281 -2.73 -20.24 -14.66
CA GLU B 281 -2.41 -19.76 -13.32
C GLU B 281 -3.37 -20.30 -12.25
N GLN B 282 -4.66 -20.34 -12.58
CA GLN B 282 -5.68 -20.92 -11.71
C GLN B 282 -5.26 -22.34 -11.31
N ARG B 283 -4.91 -23.14 -12.31
CA ARG B 283 -4.49 -24.52 -12.11
C ARG B 283 -3.21 -24.60 -11.28
N ARG B 284 -2.22 -23.79 -11.66
CA ARG B 284 -0.94 -23.74 -10.97
C ARG B 284 -1.10 -23.37 -9.50
N LEU B 285 -1.90 -22.36 -9.19
CA LEU B 285 -2.12 -21.98 -7.79
C LEU B 285 -2.80 -23.09 -6.98
N ALA B 286 -3.74 -23.77 -7.60
CA ALA B 286 -4.41 -24.89 -7.01
C ALA B 286 -3.46 -26.06 -6.69
N ARG B 287 -2.56 -26.39 -7.63
CA ARG B 287 -1.57 -27.45 -7.46
C ARG B 287 -0.59 -27.13 -6.31
N GLU B 288 -0.42 -25.83 -6.04
CA GLU B 288 0.43 -25.31 -4.94
C GLU B 288 -0.27 -25.31 -3.58
N GLY B 289 -1.51 -25.77 -3.54
CA GLY B 289 -2.28 -25.86 -2.29
C GLY B 289 -3.14 -24.65 -1.96
N TYR B 290 -3.26 -23.69 -2.87
CA TYR B 290 -4.15 -22.56 -2.63
C TYR B 290 -5.59 -22.92 -2.98
N THR B 291 -6.52 -22.29 -2.27
CA THR B 291 -7.92 -22.27 -2.67
C THR B 291 -8.06 -21.24 -3.81
N VAL B 292 -8.50 -21.74 -4.98
CA VAL B 292 -8.70 -20.93 -6.18
C VAL B 292 -10.15 -21.09 -6.63
N ARG B 293 -10.82 -19.98 -6.97
CA ARG B 293 -12.16 -20.04 -7.60
C ARG B 293 -12.12 -19.34 -8.98
N ALA B 294 -12.90 -19.84 -9.92
CA ALA B 294 -13.17 -19.13 -11.18
C ALA B 294 -14.58 -18.56 -11.11
N TYR B 295 -14.70 -17.28 -11.47
CA TYR B 295 -15.97 -16.60 -11.53
C TYR B 295 -16.62 -16.84 -12.91
N VAL B 296 -17.71 -17.59 -12.89
CA VAL B 296 -18.31 -18.18 -14.08
C VAL B 296 -19.66 -17.53 -14.41
N PRO B 297 -19.69 -16.63 -15.42
CA PRO B 297 -20.96 -16.04 -15.86
C PRO B 297 -21.78 -17.05 -16.65
N TYR B 298 -23.11 -16.94 -16.56
CA TYR B 298 -23.99 -17.72 -17.42
C TYR B 298 -25.34 -17.02 -17.54
N GLY B 299 -26.05 -17.33 -18.63
CA GLY B 299 -27.39 -16.81 -18.86
C GLY B 299 -27.53 -16.23 -20.24
N ARG B 300 -28.76 -15.87 -20.60
CA ARG B 300 -29.07 -15.46 -21.99
C ARG B 300 -28.49 -14.09 -22.37
N ASP B 301 -28.07 -13.32 -21.37
CA ASP B 301 -27.55 -11.96 -21.59
C ASP B 301 -26.03 -11.86 -21.63
N TRP B 302 -25.38 -12.83 -22.27
CA TRP B 302 -23.92 -12.92 -22.22
C TRP B 302 -23.24 -11.92 -23.15
N TYR B 303 -23.92 -11.60 -24.25
CA TYR B 303 -23.35 -10.73 -25.28
C TYR B 303 -23.19 -9.29 -24.80
N PRO B 304 -24.29 -8.63 -24.35
CA PRO B 304 -24.09 -7.31 -23.71
C PRO B 304 -23.07 -7.35 -22.59
N TYR B 305 -23.07 -8.42 -21.78
CA TYR B 305 -22.10 -8.59 -20.69
C TYR B 305 -20.63 -8.55 -21.14
N LEU B 306 -20.29 -9.41 -22.11
CA LEU B 306 -18.94 -9.43 -22.70
C LEU B 306 -18.58 -8.15 -23.49
N THR B 307 -19.55 -7.55 -24.19
CA THR B 307 -19.37 -6.21 -24.77
C THR B 307 -18.81 -5.25 -23.71
N ARG B 308 -19.44 -5.23 -22.54
CA ARG B 308 -19.08 -4.32 -21.47
C ARG B 308 -17.71 -4.57 -20.84
N ARG B 309 -17.36 -5.84 -20.63
CA ARG B 309 -16.02 -6.22 -20.17
C ARG B 309 -14.92 -5.88 -21.19
N ILE B 310 -15.25 -5.97 -22.48
CA ILE B 310 -14.32 -5.56 -23.52
C ILE B 310 -14.19 -4.02 -23.57
N ALA B 311 -15.32 -3.32 -23.45
CA ALA B 311 -15.37 -1.85 -23.47
C ALA B 311 -14.78 -1.17 -22.22
N GLU B 312 -14.37 -1.95 -21.21
CA GLU B 312 -13.76 -1.40 -19.98
C GLU B 312 -12.41 -0.70 -20.22
N ARG B 313 -11.50 -1.41 -20.89
CA ARG B 313 -10.13 -0.96 -21.13
C ARG B 313 -9.67 -1.57 -22.46
N PRO B 314 -8.86 -0.82 -23.24
CA PRO B 314 -8.24 -1.35 -24.46
C PRO B 314 -7.31 -2.52 -24.20
#